data_6H3X
#
_entry.id   6H3X
#
_cell.length_a   104.638
_cell.length_b   104.638
_cell.length_c   133.504
_cell.angle_alpha   90.000
_cell.angle_beta   90.000
_cell.angle_gamma   120.000
#
_symmetry.space_group_name_H-M   'H 3 2'
#
loop_
_entity.id
_entity.type
_entity.pdbx_description
1 polymer Polyprotein
2 branched 2-acetamido-2-deoxy-beta-D-glucopyranose-(1-4)-2-acetamido-2-deoxy-beta-D-glucopyranose
3 non-polymer 'SULFATE ION'
4 non-polymer 'CHLORIDE ION'
5 water water
#
_entity_poly.entity_id   1
_entity_poly.type   'polypeptide(L)'
_entity_poly.pdbx_seq_one_letter_code
;DEDCLSKDIKITYQELHNCIGPKIMGNTCVSKNELYSDLFSKNLVTEYDKKYFEPDTVNDQFNKIEFAQDAHRMILLERI
LYKTECEMLSLKKNSGPYNVAWRTYLKNHNIDLCSRHNYKMICQCINTHSMCKNTDIDYNKEIETYYKSNAAAYRADLNT
IMDTLKTAFRGLTKVLIENYIEKDDSDALKALFSNITDSVQDNYQMIGILKFASKLLDINLGGWSHPQFEK
;
_entity_poly.pdbx_strand_id   A
#
loop_
_chem_comp.id
_chem_comp.type
_chem_comp.name
_chem_comp.formula
CL non-polymer 'CHLORIDE ION' 'Cl -1'
NAG D-saccharide, beta linking 2-acetamido-2-deoxy-beta-D-glucopyranose 'C8 H15 N O6'
SO4 non-polymer 'SULFATE ION' 'O4 S -2'
#
# COMPACT_ATOMS: atom_id res chain seq x y z
N ASP A 1 16.65 9.30 10.90
CA ASP A 1 15.26 9.06 10.57
C ASP A 1 14.40 9.11 11.83
N GLU A 2 13.90 10.29 12.14
CA GLU A 2 13.16 10.49 13.39
C GLU A 2 11.88 9.66 13.40
N ASP A 3 11.56 9.11 14.56
CA ASP A 3 10.39 8.24 14.69
C ASP A 3 9.12 9.04 14.44
N CYS A 4 8.16 8.42 13.75
CA CYS A 4 6.90 9.10 13.43
C CYS A 4 6.14 9.49 14.69
N LEU A 5 6.34 8.76 15.79
CA LEU A 5 5.71 9.10 17.06
C LEU A 5 6.42 10.25 17.77
N SER A 6 7.63 10.59 17.34
CA SER A 6 8.39 11.65 18.02
C SER A 6 7.96 13.03 17.56
N LYS A 7 7.47 13.17 16.34
CA LYS A 7 7.38 14.47 15.71
C LYS A 7 6.05 15.18 16.03
N ASP A 8 5.88 16.36 15.43
CA ASP A 8 4.98 17.40 15.90
C ASP A 8 3.55 17.20 15.40
N ILE A 9 2.68 18.15 15.76
CA ILE A 9 1.26 18.04 15.45
C ILE A 9 0.99 18.35 13.99
N LYS A 10 1.68 19.34 13.44
CA LYS A 10 1.49 19.75 12.03
C LYS A 10 2.39 18.88 11.16
N ILE A 11 1.80 17.89 10.51
CA ILE A 11 2.52 16.93 9.68
C ILE A 11 1.95 16.99 8.27
N THR A 12 2.83 17.11 7.28
CA THR A 12 2.40 17.09 5.89
C THR A 12 2.03 15.67 5.48
N TYR A 13 1.17 15.56 4.45
CA TYR A 13 0.90 14.27 3.86
C TYR A 13 2.18 13.62 3.34
N GLN A 14 3.15 14.43 2.93
CA GLN A 14 4.41 13.89 2.41
C GLN A 14 5.23 13.23 3.51
N GLU A 15 5.32 13.88 4.68
CA GLU A 15 6.04 13.28 5.81
C GLU A 15 5.39 11.97 6.25
N LEU A 16 4.07 11.88 6.13
CA LEU A 16 3.36 10.66 6.52
C LEU A 16 3.81 9.44 5.74
N HIS A 17 4.49 9.64 4.61
CA HIS A 17 5.04 8.50 3.88
C HIS A 17 6.03 7.70 4.72
N ASN A 18 6.68 8.34 5.70
CA ASN A 18 7.59 7.60 6.57
C ASN A 18 6.85 6.73 7.57
N CYS A 19 5.55 6.92 7.75
CA CYS A 19 4.80 6.29 8.83
C CYS A 19 3.92 5.14 8.37
N ILE A 20 3.88 4.85 7.07
CA ILE A 20 2.99 3.81 6.57
C ILE A 20 3.46 2.44 7.03
N GLY A 21 2.50 1.53 7.15
CA GLY A 21 2.74 0.16 7.58
C GLY A 21 3.91 -0.55 6.92
N PRO A 22 3.95 -0.58 5.58
CA PRO A 22 5.06 -1.28 4.91
C PRO A 22 6.44 -0.82 5.38
N LYS A 23 6.57 0.46 5.75
CA LYS A 23 7.85 1.04 6.13
C LYS A 23 8.19 0.75 7.59
N ILE A 24 7.22 0.86 8.50
CA ILE A 24 7.52 0.68 9.93
C ILE A 24 7.57 -0.80 10.32
N MET A 25 7.04 -1.67 9.48
CA MET A 25 6.91 -3.08 9.82
C MET A 25 8.26 -3.79 9.65
N GLY A 26 8.52 -4.75 10.54
CA GLY A 26 9.73 -5.55 10.45
C GLY A 26 9.43 -7.00 10.05
N ASN A 27 10.12 -7.93 10.70
CA ASN A 27 9.90 -9.36 10.47
C ASN A 27 9.19 -10.04 11.62
N THR A 28 8.79 -9.29 12.64
CA THR A 28 8.20 -9.83 13.86
C THR A 28 6.85 -9.20 14.10
N CYS A 29 6.02 -9.89 14.88
CA CYS A 29 4.74 -9.36 15.36
C CYS A 29 4.72 -9.59 16.87
N VAL A 30 5.04 -8.56 17.63
CA VAL A 30 5.07 -8.68 19.08
C VAL A 30 3.65 -8.52 19.61
N SER A 31 3.44 -8.86 20.87
CA SER A 31 2.15 -8.60 21.47
C SER A 31 1.95 -7.10 21.63
N LYS A 32 0.69 -6.70 21.78
CA LYS A 32 0.41 -5.28 22.00
C LYS A 32 0.98 -4.80 23.33
N ASN A 33 0.97 -5.64 24.36
CA ASN A 33 1.55 -5.23 25.64
C ASN A 33 3.05 -5.06 25.52
N GLU A 34 3.72 -5.92 24.75
CA GLU A 34 5.15 -5.76 24.55
C GLU A 34 5.47 -4.50 23.75
N LEU A 35 4.67 -4.21 22.71
CA LEU A 35 4.88 -2.97 21.98
C LEU A 35 4.65 -1.77 22.87
N TYR A 36 3.63 -1.84 23.73
CA TYR A 36 3.36 -0.73 24.63
C TYR A 36 4.52 -0.50 25.59
N SER A 37 5.08 -1.57 26.17
CA SER A 37 6.22 -1.38 27.05
C SER A 37 7.43 -0.85 26.29
N ASP A 38 7.62 -1.34 25.06
CA ASP A 38 8.74 -0.91 24.23
C ASP A 38 8.65 0.58 23.90
N LEU A 39 7.52 1.01 23.34
CA LEU A 39 7.36 2.42 22.99
C LEU A 39 7.33 3.31 24.22
N PHE A 40 6.78 2.80 25.33
CA PHE A 40 6.75 3.56 26.57
C PHE A 40 8.17 3.82 27.07
N SER A 41 9.01 2.79 27.07
CA SER A 41 10.38 2.92 27.52
C SER A 41 11.21 3.83 26.61
N LYS A 42 10.73 4.12 25.40
CA LYS A 42 11.39 5.06 24.51
C LYS A 42 10.79 6.46 24.59
N ASN A 43 9.88 6.69 25.55
CA ASN A 43 9.19 7.98 25.70
C ASN A 43 8.43 8.37 24.44
N LEU A 44 7.84 7.40 23.76
CA LEU A 44 7.07 7.66 22.55
C LEU A 44 5.56 7.54 22.76
N VAL A 45 5.13 6.81 23.79
CA VAL A 45 3.74 6.77 24.19
C VAL A 45 3.70 6.99 25.70
N THR A 46 2.51 7.32 26.19
CA THR A 46 2.30 7.54 27.61
C THR A 46 1.16 6.65 28.08
N GLU A 47 0.83 6.75 29.37
CA GLU A 47 -0.27 5.95 29.88
C GLU A 47 -1.60 6.35 29.27
N TYR A 48 -1.76 7.62 28.89
CA TYR A 48 -2.97 8.05 28.18
C TYR A 48 -3.14 7.34 26.85
N ASP A 49 -2.08 6.74 26.30
CA ASP A 49 -2.17 6.00 25.05
C ASP A 49 -2.51 4.54 25.26
N LYS A 50 -2.52 4.05 26.51
CA LYS A 50 -2.61 2.61 26.72
C LYS A 50 -3.89 2.02 26.14
N LYS A 51 -4.98 2.79 26.15
CA LYS A 51 -6.24 2.31 25.61
C LYS A 51 -6.11 1.89 24.14
N TYR A 52 -5.21 2.52 23.39
CA TYR A 52 -5.05 2.17 21.98
C TYR A 52 -4.39 0.81 21.76
N PHE A 53 -3.89 0.18 22.82
CA PHE A 53 -3.20 -1.09 22.70
C PHE A 53 -4.05 -2.29 23.09
N GLU A 54 -5.35 -2.09 23.27
CA GLU A 54 -6.22 -3.19 23.65
C GLU A 54 -6.54 -4.05 22.43
N PRO A 55 -6.86 -5.34 22.64
CA PRO A 55 -7.12 -6.22 21.50
C PRO A 55 -8.30 -5.73 20.68
N ASP A 56 -8.25 -6.03 19.38
CA ASP A 56 -9.29 -5.64 18.44
C ASP A 56 -9.03 -6.39 17.14
N THR A 57 -10.10 -6.67 16.40
CA THR A 57 -9.94 -7.30 15.11
C THR A 57 -9.18 -6.38 14.16
N VAL A 58 -8.61 -6.99 13.12
CA VAL A 58 -7.80 -6.25 12.16
C VAL A 58 -8.67 -5.31 11.33
N ASN A 59 -9.91 -5.72 11.01
CA ASN A 59 -10.78 -4.84 10.25
C ASN A 59 -11.19 -3.61 11.05
N ASP A 60 -11.45 -3.79 12.36
CA ASP A 60 -11.77 -2.64 13.20
C ASP A 60 -10.56 -1.72 13.38
N GLN A 61 -9.34 -2.28 13.43
CA GLN A 61 -8.15 -1.43 13.41
C GLN A 61 -8.06 -0.66 12.10
N PHE A 62 -8.31 -1.33 10.98
CA PHE A 62 -8.38 -0.65 9.68
C PHE A 62 -9.32 0.54 9.74
N ASN A 63 -10.53 0.33 10.25
CA ASN A 63 -11.51 1.41 10.27
C ASN A 63 -11.10 2.52 11.23
N LYS A 64 -10.52 2.17 12.39
CA LYS A 64 -10.09 3.19 13.33
C LYS A 64 -9.00 4.06 12.71
N ILE A 65 -8.13 3.48 11.88
CA ILE A 65 -7.12 4.27 11.18
C ILE A 65 -7.76 5.10 10.08
N GLU A 66 -8.58 4.47 9.23
CA GLU A 66 -9.09 5.10 8.02
C GLU A 66 -10.18 6.13 8.28
N PHE A 67 -10.66 6.24 9.52
CA PHE A 67 -11.59 7.30 9.91
C PHE A 67 -10.97 8.26 10.92
N ALA A 68 -9.68 8.10 11.22
CA ALA A 68 -9.02 8.93 12.23
C ALA A 68 -8.95 10.37 11.76
N GLN A 69 -9.27 11.30 12.67
CA GLN A 69 -9.22 12.73 12.40
C GLN A 69 -8.03 13.41 13.05
N ASP A 70 -7.21 12.66 13.78
CA ASP A 70 -5.99 13.16 14.40
C ASP A 70 -4.81 12.43 13.78
N ALA A 71 -3.79 13.19 13.37
CA ALA A 71 -2.65 12.58 12.69
C ALA A 71 -1.82 11.71 13.65
N HIS A 72 -1.61 12.19 14.88
CA HIS A 72 -0.87 11.39 15.85
C HIS A 72 -1.60 10.08 16.15
N ARG A 73 -2.92 10.13 16.24
CA ARG A 73 -3.72 8.92 16.45
C ARG A 73 -3.59 7.97 15.27
N MET A 74 -3.68 8.49 14.05
CA MET A 74 -3.53 7.66 12.86
C MET A 74 -2.17 6.98 12.82
N ILE A 75 -1.11 7.74 13.13
CA ILE A 75 0.24 7.19 13.16
C ILE A 75 0.36 6.10 14.20
N LEU A 76 -0.16 6.34 15.40
CA LEU A 76 -0.03 5.35 16.48
C LEU A 76 -0.79 4.07 16.14
N LEU A 77 -2.02 4.20 15.62
CA LEU A 77 -2.82 3.02 15.33
C LEU A 77 -2.22 2.22 14.16
N GLU A 78 -1.65 2.92 13.17
CA GLU A 78 -0.92 2.23 12.11
C GLU A 78 0.28 1.47 12.68
N ARG A 79 1.05 2.14 13.53
CA ARG A 79 2.21 1.49 14.15
C ARG A 79 1.81 0.23 14.90
N ILE A 80 0.75 0.33 15.72
CA ILE A 80 0.29 -0.83 16.49
C ILE A 80 -0.13 -1.95 15.55
N LEU A 81 -0.95 -1.63 14.55
CA LEU A 81 -1.45 -2.64 13.62
C LEU A 81 -0.33 -3.39 12.93
N TYR A 82 0.61 -2.67 12.33
CA TYR A 82 1.64 -3.33 11.54
C TYR A 82 2.79 -3.88 12.37
N LYS A 83 2.91 -3.51 13.65
CA LYS A 83 3.89 -4.15 14.51
C LYS A 83 3.34 -5.36 15.25
N THR A 84 2.02 -5.47 15.42
CA THR A 84 1.48 -6.52 16.26
C THR A 84 0.60 -7.54 15.53
N GLU A 85 0.11 -7.24 14.33
CA GLU A 85 -0.80 -8.15 13.64
C GLU A 85 -0.01 -9.02 12.67
N CYS A 86 0.13 -10.30 13.04
CA CYS A 86 1.08 -11.19 12.37
C CYS A 86 0.76 -11.35 10.88
N GLU A 87 -0.52 -11.38 10.51
CA GLU A 87 -0.85 -11.61 9.10
C GLU A 87 -0.28 -10.52 8.21
N MET A 88 -0.15 -9.29 8.72
CA MET A 88 0.39 -8.22 7.88
C MET A 88 1.81 -8.53 7.43
N LEU A 89 2.55 -9.36 8.18
CA LEU A 89 3.91 -9.68 7.77
C LEU A 89 3.95 -10.34 6.40
N SER A 90 2.87 -10.98 5.98
CA SER A 90 2.83 -11.60 4.66
C SER A 90 3.05 -10.61 3.55
N LEU A 91 2.76 -9.32 3.78
CA LEU A 91 2.96 -8.33 2.73
C LEU A 91 4.43 -8.18 2.35
N LYS A 92 5.37 -8.61 3.20
CA LYS A 92 6.77 -8.58 2.80
C LYS A 92 7.18 -9.78 1.95
N LYS A 93 6.26 -10.68 1.65
CA LYS A 93 6.55 -11.92 0.94
C LYS A 93 5.58 -12.07 -0.22
N ASN A 94 5.51 -13.28 -0.77
CA ASN A 94 4.64 -13.60 -1.90
C ASN A 94 3.39 -14.35 -1.50
N SER A 95 3.45 -15.20 -0.49
CA SER A 95 2.36 -16.08 -0.14
C SER A 95 1.65 -15.55 1.10
N GLY A 96 0.67 -16.30 1.56
CA GLY A 96 -0.14 -15.92 2.68
C GLY A 96 -1.55 -15.58 2.26
N PRO A 97 -2.52 -15.79 3.14
CA PRO A 97 -3.91 -15.47 2.80
C PRO A 97 -4.13 -14.01 2.48
N TYR A 98 -3.39 -13.11 3.13
CA TYR A 98 -3.55 -11.68 2.86
C TYR A 98 -3.10 -11.33 1.45
N ASN A 99 -2.09 -12.04 0.93
CA ASN A 99 -1.63 -11.81 -0.45
C ASN A 99 -2.61 -12.40 -1.45
N VAL A 100 -3.12 -13.59 -1.18
CA VAL A 100 -4.11 -14.21 -2.06
C VAL A 100 -5.38 -13.37 -2.09
N ALA A 101 -5.64 -12.59 -1.03
CA ALA A 101 -6.81 -11.71 -0.99
C ALA A 101 -6.79 -10.71 -2.15
N TRP A 102 -5.88 -9.74 -2.09
CA TRP A 102 -5.80 -8.75 -3.16
C TRP A 102 -5.40 -9.38 -4.48
N ARG A 103 -4.65 -10.47 -4.44
CA ARG A 103 -4.20 -11.14 -5.66
C ARG A 103 -5.39 -11.68 -6.45
N THR A 104 -6.29 -12.39 -5.77
CA THR A 104 -7.49 -12.90 -6.42
C THR A 104 -8.48 -11.78 -6.72
N TYR A 105 -8.55 -10.76 -5.86
CA TYR A 105 -9.41 -9.62 -6.18
C TYR A 105 -8.98 -8.96 -7.48
N LEU A 106 -7.67 -8.90 -7.73
CA LEU A 106 -7.16 -8.25 -8.93
C LEU A 106 -7.33 -9.12 -10.16
N LYS A 107 -6.92 -10.39 -10.07
CA LYS A 107 -7.10 -11.28 -11.22
C LYS A 107 -8.58 -11.47 -11.56
N ASN A 108 -9.44 -11.42 -10.54
CA ASN A 108 -10.86 -11.74 -10.65
C ASN A 108 -11.53 -10.85 -11.69
N HIS A 109 -11.73 -9.57 -11.37
CA HIS A 109 -12.12 -8.60 -12.38
C HIS A 109 -10.83 -7.99 -12.90
N ASN A 110 -10.33 -8.56 -14.00
CA ASN A 110 -9.00 -8.23 -14.50
C ASN A 110 -9.01 -6.81 -15.08
N ILE A 111 -7.89 -6.42 -15.67
CA ILE A 111 -7.79 -5.14 -16.36
C ILE A 111 -8.02 -5.38 -17.85
N ASP A 112 -8.61 -4.39 -18.51
CA ASP A 112 -8.99 -4.55 -19.90
C ASP A 112 -7.79 -4.75 -20.81
N LEU A 113 -6.61 -4.25 -20.41
CA LEU A 113 -5.41 -4.43 -21.23
C LEU A 113 -5.15 -5.90 -21.53
N CYS A 114 -5.48 -6.79 -20.59
CA CYS A 114 -5.12 -8.19 -20.70
C CYS A 114 -6.09 -9.01 -21.54
N SER A 115 -7.26 -8.48 -21.87
CA SER A 115 -8.19 -9.23 -22.71
C SER A 115 -7.68 -9.33 -24.14
N ARG A 116 -7.20 -8.22 -24.70
CA ARG A 116 -6.67 -8.25 -26.06
C ARG A 116 -5.15 -8.41 -26.13
N HIS A 117 -4.45 -8.27 -24.99
CA HIS A 117 -2.99 -8.32 -24.97
C HIS A 117 -2.53 -9.15 -23.76
N ASN A 118 -2.95 -10.41 -23.72
CA ASN A 118 -2.63 -11.27 -22.58
C ASN A 118 -1.13 -11.51 -22.44
N TYR A 119 -0.35 -11.24 -23.49
CA TYR A 119 1.07 -11.53 -23.49
C TYR A 119 1.93 -10.42 -22.90
N LYS A 120 1.34 -9.28 -22.54
CA LYS A 120 2.10 -8.23 -21.88
C LYS A 120 2.57 -8.69 -20.50
N MET A 121 3.71 -8.14 -20.06
CA MET A 121 4.32 -8.58 -18.81
C MET A 121 3.39 -8.39 -17.64
N ILE A 122 2.67 -7.27 -17.58
CA ILE A 122 1.73 -7.04 -16.47
C ILE A 122 0.66 -8.13 -16.47
N CYS A 123 0.24 -8.56 -17.65
CA CYS A 123 -0.80 -9.59 -17.75
C CYS A 123 -0.27 -10.95 -17.31
N GLN A 124 0.99 -11.26 -17.60
CA GLN A 124 1.59 -12.48 -17.08
C GLN A 124 1.73 -12.41 -15.58
N CYS A 125 2.09 -11.23 -15.06
CA CYS A 125 2.24 -11.04 -13.64
C CYS A 125 0.91 -11.26 -12.92
N ILE A 126 -0.16 -10.70 -13.46
CA ILE A 126 -1.46 -10.83 -12.81
C ILE A 126 -1.99 -12.25 -12.96
N ASN A 127 -1.98 -12.79 -14.18
CA ASN A 127 -2.70 -14.03 -14.45
C ASN A 127 -1.90 -15.26 -14.03
N THR A 128 -0.60 -15.30 -14.36
CA THR A 128 0.21 -16.50 -14.14
C THR A 128 1.23 -16.34 -13.03
N HIS A 129 1.22 -15.23 -12.30
CA HIS A 129 2.15 -15.00 -11.19
C HIS A 129 3.60 -15.09 -11.67
N SER A 130 3.86 -14.58 -12.87
CA SER A 130 5.17 -14.71 -13.50
C SER A 130 5.50 -13.45 -14.27
N MET A 131 6.79 -13.27 -14.56
CA MET A 131 7.29 -12.14 -15.36
C MET A 131 6.95 -10.79 -14.72
N CYS A 132 6.99 -10.73 -13.40
CA CYS A 132 6.61 -9.52 -12.67
C CYS A 132 7.73 -8.50 -12.55
N LYS A 133 8.95 -8.82 -12.98
CA LYS A 133 10.06 -7.91 -12.76
C LYS A 133 10.03 -6.73 -13.73
N ASN A 134 9.51 -6.92 -14.94
CA ASN A 134 9.63 -5.94 -16.02
C ASN A 134 8.31 -5.27 -16.37
N THR A 135 7.37 -5.18 -15.44
CA THR A 135 6.02 -4.76 -15.79
C THR A 135 5.94 -3.30 -16.23
N ASP A 136 6.91 -2.48 -15.84
CA ASP A 136 6.91 -1.07 -16.23
C ASP A 136 7.59 -0.84 -17.57
N ILE A 137 8.40 -1.77 -18.03
CA ILE A 137 9.10 -1.61 -19.31
C ILE A 137 8.11 -1.85 -20.43
N ASP A 138 7.90 -0.83 -21.25
CA ASP A 138 6.98 -0.90 -22.39
C ASP A 138 7.82 -0.99 -23.66
N TYR A 139 7.99 -2.21 -24.16
CA TYR A 139 8.79 -2.44 -25.36
C TYR A 139 8.08 -1.83 -26.57
N ASN A 140 8.72 -0.83 -27.19
CA ASN A 140 8.19 -0.10 -28.34
C ASN A 140 6.88 0.62 -28.03
N LYS A 141 6.62 0.87 -26.74
CA LYS A 141 5.51 1.71 -26.30
C LYS A 141 4.16 1.16 -26.75
N GLU A 142 3.99 -0.16 -26.68
CA GLU A 142 2.72 -0.76 -27.09
C GLU A 142 1.63 -0.55 -26.06
N ILE A 143 1.97 -0.60 -24.76
CA ILE A 143 0.97 -0.41 -23.73
C ILE A 143 0.44 1.02 -23.75
N GLU A 144 1.34 1.99 -23.90
CA GLU A 144 0.91 3.39 -23.91
C GLU A 144 0.03 3.69 -25.11
N THR A 145 0.36 3.10 -26.27
CA THR A 145 -0.48 3.28 -27.45
C THR A 145 -1.89 2.76 -27.19
N TYR A 146 -2.02 1.62 -26.50
CA TYR A 146 -3.32 1.02 -26.28
C TYR A 146 -4.23 1.92 -25.44
N TYR A 147 -3.67 2.51 -24.38
CA TYR A 147 -4.50 3.21 -23.41
C TYR A 147 -5.00 4.55 -23.95
N LYS A 148 -4.17 5.27 -24.70
CA LYS A 148 -4.60 6.55 -25.25
C LYS A 148 -5.61 6.39 -26.38
N SER A 149 -5.84 5.17 -26.87
CA SER A 149 -6.90 4.93 -27.82
C SER A 149 -8.15 4.33 -27.17
N ASN A 150 -8.02 3.84 -25.93
CA ASN A 150 -9.15 3.30 -25.16
C ASN A 150 -9.11 3.93 -23.77
N ALA A 151 -9.61 5.16 -23.66
CA ALA A 151 -9.57 5.87 -22.39
C ALA A 151 -10.50 5.23 -21.36
N ALA A 152 -11.61 4.63 -21.81
CA ALA A 152 -12.46 3.88 -20.89
C ALA A 152 -11.67 2.79 -20.20
N ALA A 153 -10.91 1.99 -20.97
CA ALA A 153 -10.10 0.94 -20.37
C ALA A 153 -9.00 1.52 -19.50
N TYR A 154 -8.50 2.70 -19.82
CA TYR A 154 -7.48 3.32 -18.98
C TYR A 154 -8.04 3.68 -17.61
N ARG A 155 -9.22 4.31 -17.58
CA ARG A 155 -9.79 4.68 -16.28
C ARG A 155 -10.24 3.45 -15.50
N ALA A 156 -10.76 2.44 -16.20
CA ALA A 156 -11.15 1.20 -15.54
C ALA A 156 -9.95 0.48 -14.94
N ASP A 157 -8.85 0.39 -15.69
CA ASP A 157 -7.68 -0.33 -15.23
C ASP A 157 -6.96 0.44 -14.14
N LEU A 158 -6.86 1.76 -14.28
CA LEU A 158 -6.28 2.58 -13.22
C LEU A 158 -7.09 2.45 -11.94
N ASN A 159 -8.42 2.49 -12.04
CA ASN A 159 -9.24 2.31 -10.85
C ASN A 159 -9.07 0.92 -10.26
N THR A 160 -8.99 -0.11 -11.12
CA THR A 160 -8.80 -1.47 -10.62
C THR A 160 -7.47 -1.59 -9.88
N ILE A 161 -6.43 -0.96 -10.39
CA ILE A 161 -5.11 -1.07 -9.76
C ILE A 161 -5.10 -0.28 -8.45
N MET A 162 -5.66 0.93 -8.47
CA MET A 162 -5.77 1.71 -7.24
C MET A 162 -6.54 0.95 -6.17
N ASP A 163 -7.67 0.34 -6.55
CA ASP A 163 -8.46 -0.42 -5.60
C ASP A 163 -7.68 -1.63 -5.10
N THR A 164 -6.91 -2.28 -5.97
CA THR A 164 -6.07 -3.37 -5.53
C THR A 164 -5.08 -2.90 -4.47
N LEU A 165 -4.41 -1.78 -4.72
CA LEU A 165 -3.43 -1.27 -3.77
C LEU A 165 -4.09 -0.85 -2.46
N LYS A 166 -5.27 -0.24 -2.54
CA LYS A 166 -5.95 0.16 -1.31
C LYS A 166 -6.42 -1.05 -0.52
N THR A 167 -6.75 -2.14 -1.20
CA THR A 167 -7.11 -3.38 -0.51
C THR A 167 -5.90 -4.00 0.16
N ALA A 168 -4.75 -4.00 -0.53
CA ALA A 168 -3.56 -4.65 0.00
C ALA A 168 -2.99 -3.90 1.19
N PHE A 169 -3.08 -2.58 1.19
CA PHE A 169 -2.43 -1.73 2.20
C PHE A 169 -3.50 -0.92 2.93
N ARG A 170 -4.30 -1.61 3.73
CA ARG A 170 -5.31 -0.94 4.53
C ARG A 170 -4.67 -0.02 5.56
N GLY A 171 -5.39 1.04 5.91
CA GLY A 171 -4.87 1.95 6.92
C GLY A 171 -4.32 3.23 6.36
N LEU A 172 -3.15 3.65 6.85
CA LEU A 172 -2.61 4.96 6.47
C LEU A 172 -2.31 5.01 4.97
N THR A 173 -1.74 3.95 4.41
CA THR A 173 -1.47 3.92 2.98
C THR A 173 -2.73 4.20 2.18
N LYS A 174 -3.83 3.54 2.56
CA LYS A 174 -5.09 3.73 1.84
C LYS A 174 -5.61 5.16 2.00
N VAL A 175 -5.46 5.73 3.20
CA VAL A 175 -5.87 7.11 3.41
C VAL A 175 -5.09 8.04 2.47
N LEU A 176 -3.78 7.84 2.39
CA LEU A 176 -2.95 8.67 1.52
C LEU A 176 -3.35 8.50 0.05
N ILE A 177 -3.58 7.26 -0.38
CA ILE A 177 -3.94 7.01 -1.77
C ILE A 177 -5.23 7.75 -2.12
N GLU A 178 -6.25 7.61 -1.27
CA GLU A 178 -7.51 8.31 -1.53
C GLU A 178 -7.30 9.82 -1.52
N ASN A 179 -6.48 10.33 -0.60
CA ASN A 179 -6.22 11.77 -0.56
C ASN A 179 -5.65 12.25 -1.88
N TYR A 180 -4.58 11.61 -2.36
CA TYR A 180 -3.96 12.05 -3.60
C TYR A 180 -4.89 11.86 -4.80
N ILE A 181 -5.65 10.77 -4.81
CA ILE A 181 -6.59 10.53 -5.90
C ILE A 181 -7.62 11.65 -5.98
N GLU A 182 -8.06 12.16 -4.82
CA GLU A 182 -9.00 13.27 -4.89
C GLU A 182 -8.31 14.59 -5.23
N LYS A 183 -7.07 14.79 -4.79
CA LYS A 183 -6.32 16.00 -5.12
C LYS A 183 -5.71 15.96 -6.52
N ASP A 184 -5.92 14.87 -7.26
CA ASP A 184 -5.30 14.68 -8.58
C ASP A 184 -3.78 14.81 -8.52
N ASP A 185 -3.18 14.39 -7.41
CA ASP A 185 -1.75 14.55 -7.17
C ASP A 185 -1.03 13.28 -7.62
N SER A 186 -0.61 13.26 -8.89
CA SER A 186 0.06 12.08 -9.45
C SER A 186 1.51 11.98 -8.99
N ASP A 187 2.19 13.12 -8.85
CA ASP A 187 3.56 13.11 -8.33
C ASP A 187 3.61 12.45 -6.95
N ALA A 188 2.70 12.87 -6.06
CA ALA A 188 2.67 12.29 -4.72
C ALA A 188 2.38 10.79 -4.77
N LEU A 189 1.46 10.38 -5.66
CA LEU A 189 1.15 8.95 -5.77
C LEU A 189 2.36 8.15 -6.22
N LYS A 190 3.10 8.66 -7.21
CA LYS A 190 4.29 7.95 -7.65
C LYS A 190 5.35 7.90 -6.56
N ALA A 191 5.47 8.98 -5.78
CA ALA A 191 6.41 8.98 -4.66
C ALA A 191 6.01 7.95 -3.61
N LEU A 192 4.72 7.87 -3.29
CA LEU A 192 4.25 6.87 -2.33
C LEU A 192 4.49 5.46 -2.83
N PHE A 193 4.16 5.20 -4.10
CA PHE A 193 4.40 3.88 -4.67
C PHE A 193 5.88 3.52 -4.63
N SER A 194 6.74 4.51 -4.90
CA SER A 194 8.18 4.29 -4.82
C SER A 194 8.61 3.95 -3.39
N ASN A 195 8.06 4.67 -2.40
CA ASN A 195 8.39 4.37 -1.01
C ASN A 195 7.94 2.97 -0.62
N ILE A 196 6.75 2.55 -1.03
CA ILE A 196 6.27 1.21 -0.72
C ILE A 196 7.17 0.17 -1.37
N THR A 197 7.52 0.39 -2.63
CA THR A 197 8.43 -0.51 -3.34
C THR A 197 9.68 -0.81 -2.53
N ASP A 198 10.28 0.23 -1.92
CA ASP A 198 11.51 0.05 -1.17
C ASP A 198 11.32 -0.87 0.04
N SER A 199 10.09 -1.06 0.50
CA SER A 199 9.83 -1.82 1.72
C SER A 199 9.32 -3.23 1.47
N VAL A 200 8.92 -3.56 0.25
CA VAL A 200 8.33 -4.87 -0.04
C VAL A 200 9.07 -5.53 -1.20
N GLN A 201 10.40 -5.39 -1.23
CA GLN A 201 11.19 -5.88 -2.36
C GLN A 201 11.06 -7.38 -2.58
N ASP A 202 10.63 -8.14 -1.58
CA ASP A 202 10.47 -9.58 -1.73
C ASP A 202 9.04 -10.00 -2.06
N ASN A 203 8.14 -9.03 -2.28
CA ASN A 203 6.80 -9.32 -2.79
C ASN A 203 6.85 -9.09 -4.29
N TYR A 204 7.31 -10.12 -5.01
CA TYR A 204 7.44 -10.20 -6.46
C TYR A 204 6.27 -9.56 -7.21
N GLN A 205 5.08 -10.17 -7.09
CA GLN A 205 3.92 -9.68 -7.81
C GLN A 205 3.56 -8.26 -7.41
N MET A 206 3.64 -7.94 -6.11
CA MET A 206 3.27 -6.59 -5.70
C MET A 206 4.25 -5.56 -6.23
N ILE A 207 5.52 -5.91 -6.32
CA ILE A 207 6.48 -5.03 -7.01
C ILE A 207 6.05 -4.82 -8.45
N GLY A 208 5.61 -5.89 -9.13
CA GLY A 208 5.08 -5.71 -10.48
C GLY A 208 3.89 -4.76 -10.53
N ILE A 209 2.96 -4.90 -9.58
CA ILE A 209 1.76 -4.08 -9.58
C ILE A 209 2.12 -2.61 -9.33
N LEU A 210 3.05 -2.36 -8.40
CA LEU A 210 3.46 -0.99 -8.12
C LEU A 210 4.19 -0.37 -9.31
N LYS A 211 5.09 -1.12 -9.95
CA LYS A 211 5.76 -0.61 -11.15
C LYS A 211 4.74 -0.24 -12.22
N PHE A 212 3.82 -1.15 -12.52
CA PHE A 212 2.79 -0.87 -13.52
C PHE A 212 1.94 0.32 -13.11
N ALA A 213 1.65 0.46 -11.82
CA ALA A 213 0.86 1.59 -11.36
C ALA A 213 1.57 2.91 -11.62
N SER A 214 2.87 2.96 -11.33
CA SER A 214 3.62 4.18 -11.61
C SER A 214 3.67 4.45 -13.10
N LYS A 215 3.77 3.41 -13.92
CA LYS A 215 3.76 3.60 -15.37
C LYS A 215 2.44 4.22 -15.82
N LEU A 216 1.32 3.70 -15.30
CA LEU A 216 0.02 4.25 -15.67
C LEU A 216 -0.09 5.73 -15.32
N LEU A 217 0.52 6.13 -14.22
CA LEU A 217 0.49 7.54 -13.84
C LEU A 217 1.31 8.39 -14.80
N ASP A 218 2.37 7.84 -15.39
CA ASP A 218 3.10 8.54 -16.43
C ASP A 218 2.22 8.77 -17.65
N ILE A 219 1.43 7.77 -18.03
CA ILE A 219 0.43 7.94 -19.08
C ILE A 219 -0.59 8.95 -18.58
N ASN A 220 -0.42 10.21 -18.99
CA ASN A 220 -1.23 11.31 -18.50
C ASN A 220 -2.24 11.69 -19.57
N LEU A 221 -3.52 11.68 -19.21
CA LEU A 221 -4.60 11.93 -20.16
C LEU A 221 -5.48 13.08 -19.69
C1 NAG B . 9.80 8.42 -1.03
C2 NAG B . 11.01 8.93 -0.26
C3 NAG B . 11.24 10.43 -0.53
C4 NAG B . 11.25 10.72 -2.02
C5 NAG B . 10.07 10.04 -2.74
C6 NAG B . 10.16 10.12 -4.25
C7 NAG B . 10.05 9.06 2.09
C8 NAG B . 8.95 9.99 1.64
N2 NAG B . 10.94 8.64 1.18
O3 NAG B . 12.47 10.83 0.05
O4 NAG B . 11.14 12.12 -2.21
O5 NAG B . 10.00 8.64 -2.41
O6 NAG B . 10.96 9.06 -4.77
O7 NAG B . 10.13 8.72 3.27
C1 NAG B . 12.17 12.70 -3.03
C2 NAG B . 11.75 14.12 -3.43
C3 NAG B . 12.83 14.81 -4.26
C4 NAG B . 14.16 14.75 -3.54
C5 NAG B . 14.50 13.30 -3.18
C6 NAG B . 15.78 13.18 -2.36
C7 NAG B . 10.27 13.55 -5.33
C8 NAG B . 8.88 13.68 -5.89
N2 NAG B . 10.47 14.12 -4.13
O3 NAG B . 12.46 16.17 -4.47
O4 NAG B . 15.19 15.28 -4.36
O5 NAG B . 13.45 12.74 -2.37
O6 NAG B . 16.85 13.89 -2.97
O7 NAG B . 11.17 12.97 -5.94
S SO4 C . 6.44 -17.24 0.49
O1 SO4 C . 7.48 -16.37 -0.07
O2 SO4 C . 6.23 -18.40 -0.39
O3 SO4 C . 6.84 -17.73 1.81
O4 SO4 C . 5.20 -16.48 0.60
S SO4 D . 12.14 -5.85 13.52
O1 SO4 D . 12.47 -4.43 13.54
O2 SO4 D . 12.62 -6.45 12.27
O3 SO4 D . 12.79 -6.51 14.65
O4 SO4 D . 10.70 -6.02 13.62
S SO4 E . 10.47 -0.45 15.24
O1 SO4 E . 11.33 0.73 15.35
O2 SO4 E . 9.94 -0.54 13.88
O3 SO4 E . 11.25 -1.65 15.54
O4 SO4 E . 9.36 -0.33 16.19
CL CL F . 10.86 -12.30 -14.06
CL CL G . 10.85 -10.99 -5.81
#